data_9GPR
#
_entry.id   9GPR
#
_cell.length_a   48.91
_cell.length_b   48.91
_cell.length_c   193.97
_cell.angle_alpha   90
_cell.angle_beta   90
_cell.angle_gamma   120
#
_symmetry.space_group_name_H-M   'P 32 2 1'
#
loop_
_entity.id
_entity.type
_entity.pdbx_description
1 polymer 'Peptidyl-prolyl cis-trans isomerase FKBP5'
2 non-polymer 3-cyclohexyl-19,20-dimethoxy-17-methyl-11,15-dioxa-19lambda4-thia-5-aza-18-stannapentacyclo[15.7.0.01,10.010,10.018,23]tetracosa-13,20-diene-4,12-quinone
3 water water
#
_entity_poly.entity_id   1
_entity_poly.type   'polypeptide(L)'
_entity_poly.pdbx_seq_one_letter_code
;GAPATVTEQGEDITSKKDRGVLKIVKRVGNGEETPMIGDKVYVHYKGKLSNGKKFDSSHDRNEPFVFSLGKGQVIKAWDI
GVATMKKGEIAHLLIKPEYAYGSAGSLPKIPSNATLFFEIELLDFKGE
;
_entity_poly.pdbx_strand_id   B,A
#
loop_
_chem_comp.id
_chem_comp.type
_chem_comp.name
_chem_comp.formula
A1INP non-polymer 3-cyclohexyl-19,20-dimethoxy-17-methyl-11,15-dioxa-19lambda4-thia-5-aza-18-stannapentacyclo[15.7.0.01,10.010,10.018,23]tetracosa-13,20-diene-4,12-quinone 'C32 H46 N4 O6'
#
# COMPACT_ATOMS: atom_id res chain seq x y z
N GLY A 1 -9.60 -20.31 13.42
CA GLY A 1 -8.81 -19.79 14.54
C GLY A 1 -9.08 -18.30 14.76
N ALA A 2 -8.00 -17.60 15.12
CA ALA A 2 -8.12 -16.30 15.72
C ALA A 2 -8.77 -15.33 14.72
N PRO A 3 -8.39 -15.28 13.43
CA PRO A 3 -9.07 -14.37 12.52
C PRO A 3 -10.59 -14.55 12.46
N ALA A 4 -11.03 -15.82 12.33
CA ALA A 4 -12.47 -16.09 12.27
C ALA A 4 -13.12 -15.64 13.59
N THR A 5 -12.41 -15.81 14.73
CA THR A 5 -13.00 -15.39 16.01
C THR A 5 -13.27 -13.89 15.99
N VAL A 6 -12.31 -13.12 15.43
CA VAL A 6 -12.46 -11.67 15.37
C VAL A 6 -13.59 -11.30 14.45
N THR A 7 -13.72 -11.99 13.31
CA THR A 7 -14.86 -11.78 12.41
C THR A 7 -16.18 -11.93 13.21
N GLU A 8 -16.29 -12.98 13.96
CA GLU A 8 -17.57 -13.31 14.60
C GLU A 8 -17.84 -12.41 15.82
N GLN A 9 -16.79 -12.06 16.59
CA GLN A 9 -16.95 -11.51 17.93
C GLN A 9 -16.33 -10.14 18.15
N GLY A 10 -15.60 -9.66 17.17
CA GLY A 10 -14.86 -8.41 17.34
C GLY A 10 -15.77 -7.20 17.33
N GLU A 11 -15.35 -6.16 18.04
CA GLU A 11 -16.02 -4.86 18.03
C GLU A 11 -15.59 -4.09 16.79
N ASP A 12 -16.54 -3.42 16.14
CA ASP A 12 -16.15 -2.52 15.04
C ASP A 12 -15.72 -1.15 15.61
N ILE A 13 -14.44 -0.82 15.48
CA ILE A 13 -13.92 0.39 16.12
C ILE A 13 -13.71 1.47 15.04
N THR A 14 -14.26 1.32 13.84
CA THR A 14 -14.23 2.38 12.83
C THR A 14 -15.27 3.46 13.12
N SER A 15 -14.97 4.68 12.66
CA SER A 15 -15.91 5.77 12.75
C SER A 15 -17.08 5.51 11.81
N LYS A 16 -16.78 5.02 10.62
CA LYS A 16 -17.84 4.85 9.64
C LYS A 16 -18.64 3.56 9.91
N LYS A 17 -18.24 2.74 10.87
CA LYS A 17 -18.90 1.45 11.19
C LYS A 17 -19.08 0.61 9.91
N ASP A 18 -17.96 0.40 9.23
CA ASP A 18 -17.93 -0.39 7.99
C ASP A 18 -17.23 -1.73 8.24
N ARG A 19 -16.99 -2.10 9.49
CA ARG A 19 -16.32 -3.34 9.88
C ARG A 19 -14.88 -3.43 9.36
N GLY A 20 -14.27 -2.26 9.05
CA GLY A 20 -12.95 -2.25 8.48
C GLY A 20 -11.84 -2.55 9.46
N VAL A 21 -12.08 -2.31 10.76
CA VAL A 21 -11.19 -2.69 11.84
C VAL A 21 -12.02 -3.29 12.97
N LEU A 22 -11.83 -4.60 13.17
CA LEU A 22 -12.46 -5.34 14.23
C LEU A 22 -11.46 -5.72 15.32
N LYS A 23 -11.91 -5.60 16.59
CA LYS A 23 -11.04 -5.77 17.74
C LYS A 23 -11.59 -6.70 18.81
N ILE A 24 -10.71 -7.57 19.32
CA ILE A 24 -11.00 -8.26 20.61
C ILE A 24 -9.85 -7.99 21.56
N VAL A 25 -10.22 -7.61 22.78
CA VAL A 25 -9.24 -7.52 23.86
C VAL A 25 -9.01 -8.93 24.37
N LYS A 26 -7.78 -9.43 24.35
CA LYS A 26 -7.43 -10.76 24.78
C LYS A 26 -6.82 -10.76 26.16
N ARG A 27 -6.14 -9.69 26.54
CA ARG A 27 -5.63 -9.50 27.90
C ARG A 27 -5.85 -8.03 28.27
N VAL A 28 -6.56 -7.81 29.39
CA VAL A 28 -6.81 -6.44 29.85
C VAL A 28 -5.52 -5.80 30.36
N GLY A 29 -5.35 -4.52 29.99
CA GLY A 29 -4.23 -3.68 30.42
C GLY A 29 -4.60 -2.83 31.65
N ASN A 30 -3.90 -1.73 31.92
CA ASN A 30 -4.22 -0.94 33.12
C ASN A 30 -4.14 0.55 32.78
N GLY A 31 -4.78 1.39 33.61
CA GLY A 31 -4.63 2.83 33.55
C GLY A 31 -5.71 3.45 32.67
N GLU A 32 -6.00 4.74 32.93
CA GLU A 32 -7.04 5.49 32.21
C GLU A 32 -6.51 5.98 30.85
N GLU A 33 -5.20 6.03 30.67
CA GLU A 33 -4.64 6.74 29.52
C GLU A 33 -4.58 5.77 28.34
N THR A 34 -4.91 6.24 27.13
CA THR A 34 -4.65 5.50 25.91
C THR A 34 -3.81 6.42 25.01
N PRO A 35 -3.02 5.88 24.07
CA PRO A 35 -2.16 6.71 23.24
C PRO A 35 -2.92 7.74 22.40
N MET A 36 -2.37 8.97 22.35
CA MET A 36 -2.94 10.11 21.66
C MET A 36 -2.08 10.42 20.45
N ILE A 37 -2.69 11.04 19.42
CA ILE A 37 -1.96 11.37 18.21
C ILE A 37 -0.66 12.08 18.58
N GLY A 38 0.46 11.65 17.98
CA GLY A 38 1.79 12.23 18.24
C GLY A 38 2.67 11.45 19.23
N ASP A 39 2.03 10.68 20.13
CA ASP A 39 2.72 9.83 21.10
C ASP A 39 3.71 8.85 20.45
N LYS A 40 4.81 8.57 21.15
CA LYS A 40 5.75 7.56 20.68
C LYS A 40 5.32 6.29 21.38
N VAL A 41 5.03 5.23 20.60
CA VAL A 41 4.38 4.01 21.06
C VAL A 41 5.29 2.83 20.84
N TYR A 42 5.29 1.94 21.88
CA TYR A 42 6.15 0.76 21.91
C TYR A 42 5.23 -0.46 21.95
N VAL A 43 5.37 -1.38 20.97
CA VAL A 43 4.56 -2.59 20.94
C VAL A 43 5.41 -3.83 20.63
N HIS A 44 4.87 -5.00 21.02
CA HIS A 44 5.25 -6.26 20.38
C HIS A 44 4.04 -6.66 19.55
N TYR A 45 4.29 -7.29 18.40
CA TYR A 45 3.18 -7.68 17.53
C TYR A 45 3.57 -8.99 16.83
N LYS A 46 2.51 -9.72 16.50
CA LYS A 46 2.53 -10.79 15.51
C LYS A 46 1.45 -10.51 14.48
N GLY A 47 1.82 -10.59 13.20
CA GLY A 47 0.89 -10.21 12.16
C GLY A 47 0.97 -11.21 11.02
N LYS A 48 -0.11 -11.33 10.27
CA LYS A 48 -0.17 -12.28 9.16
C LYS A 48 -1.28 -11.87 8.24
N LEU A 49 -1.20 -12.34 6.99
CA LEU A 49 -2.41 -12.31 6.15
C LEU A 49 -3.52 -13.19 6.77
N SER A 50 -4.79 -12.84 6.60
CA SER A 50 -5.84 -13.58 7.29
C SER A 50 -5.86 -15.02 6.79
N ASN A 51 -5.44 -15.25 5.53
CA ASN A 51 -5.28 -16.55 4.88
C ASN A 51 -4.20 -17.43 5.54
N GLY A 52 -3.49 -16.91 6.56
CA GLY A 52 -2.46 -17.66 7.26
C GLY A 52 -1.12 -17.68 6.52
N LYS A 53 -0.97 -16.99 5.38
CA LYS A 53 0.01 -17.40 4.38
C LYS A 53 1.37 -16.72 4.56
N LYS A 54 1.43 -15.60 5.30
CA LYS A 54 2.71 -15.02 5.74
C LYS A 54 2.53 -14.56 7.18
N PHE A 55 3.63 -14.48 7.98
CA PHE A 55 3.67 -14.22 9.42
C PHE A 55 4.91 -13.44 9.91
N ASP A 56 4.69 -12.22 10.37
CA ASP A 56 5.77 -11.29 10.67
C ASP A 56 5.66 -10.90 12.14
N SER A 57 6.79 -10.83 12.82
CA SER A 57 6.75 -10.62 14.27
C SER A 57 7.92 -9.77 14.70
N SER A 58 7.64 -8.80 15.57
CA SER A 58 8.67 -8.00 16.20
C SER A 58 9.62 -8.91 16.97
N HIS A 59 9.10 -10.03 17.51
CA HIS A 59 9.96 -10.94 18.26
C HIS A 59 11.07 -11.53 17.38
N ASP A 60 10.86 -11.67 16.08
CA ASP A 60 11.92 -12.16 15.18
C ASP A 60 13.05 -11.13 15.03
N ARG A 61 12.82 -9.85 15.37
CA ARG A 61 13.87 -8.83 15.37
C ARG A 61 14.43 -8.61 16.79
N ASN A 62 13.90 -9.36 17.78
CA ASN A 62 14.45 -9.36 19.13
C ASN A 62 14.44 -7.90 19.67
N GLU A 63 13.40 -7.13 19.33
CA GLU A 63 13.30 -5.70 19.62
C GLU A 63 11.84 -5.27 19.54
N PRO A 64 11.36 -4.31 20.35
CA PRO A 64 10.01 -3.77 20.16
C PRO A 64 9.89 -2.92 18.89
N PHE A 65 8.69 -2.90 18.33
CA PHE A 65 8.38 -2.02 17.22
C PHE A 65 7.87 -0.69 17.77
N VAL A 66 8.48 0.38 17.25
CA VAL A 66 8.25 1.72 17.79
C VAL A 66 7.81 2.63 16.66
N PHE A 67 6.81 3.45 16.91
CA PHE A 67 6.23 4.33 15.92
C PHE A 67 5.50 5.47 16.64
N SER A 68 5.30 6.58 15.90
CA SER A 68 4.60 7.76 16.41
C SER A 68 3.18 7.65 15.90
N LEU A 69 2.20 7.66 16.82
CA LEU A 69 0.81 7.46 16.48
C LEU A 69 0.23 8.63 15.66
N GLY A 70 -0.61 8.29 14.67
CA GLY A 70 -1.26 9.24 13.75
C GLY A 70 -0.36 10.01 12.80
N LYS A 71 0.87 9.57 12.52
CA LYS A 71 1.86 10.32 11.78
C LYS A 71 2.08 9.68 10.39
N GLY A 72 1.24 8.72 10.04
CA GLY A 72 1.36 8.07 8.73
C GLY A 72 2.49 7.06 8.68
N GLN A 73 2.96 6.53 9.82
CA GLN A 73 4.13 5.65 9.84
C GLN A 73 3.70 4.19 9.68
N VAL A 74 2.44 3.97 9.98
CA VAL A 74 1.81 2.67 10.01
C VAL A 74 0.50 2.78 9.27
N ILE A 75 -0.11 1.61 8.97
CA ILE A 75 -1.41 1.53 8.30
C ILE A 75 -2.49 2.18 9.20
N LYS A 76 -3.51 2.76 8.55
CA LYS A 76 -4.61 3.43 9.23
C LYS A 76 -5.16 2.57 10.38
N ALA A 77 -5.33 1.28 10.16
CA ALA A 77 -5.87 0.38 11.18
C ALA A 77 -5.08 0.36 12.49
N TRP A 78 -3.75 0.61 12.43
CA TRP A 78 -2.94 0.64 13.63
C TRP A 78 -3.17 1.97 14.32
N ASP A 79 -3.23 3.07 13.58
CA ASP A 79 -3.44 4.38 14.17
C ASP A 79 -4.78 4.39 14.88
N ILE A 80 -5.78 3.75 14.28
CA ILE A 80 -7.11 3.62 14.90
C ILE A 80 -7.06 2.66 16.09
N GLY A 81 -6.51 1.45 15.87
CA GLY A 81 -6.62 0.40 16.88
C GLY A 81 -5.78 0.63 18.13
N VAL A 82 -4.52 1.03 17.95
CA VAL A 82 -3.65 1.23 19.09
C VAL A 82 -4.15 2.43 19.91
N ALA A 83 -4.86 3.40 19.32
CA ALA A 83 -5.38 4.53 20.06
C ALA A 83 -6.43 4.05 21.06
N THR A 84 -6.96 2.83 20.89
CA THR A 84 -7.97 2.31 21.83
C THR A 84 -7.37 1.45 22.93
N MET A 85 -6.06 1.22 22.92
CA MET A 85 -5.43 0.23 23.81
C MET A 85 -4.82 0.84 25.08
N LYS A 86 -4.87 0.08 26.20
CA LYS A 86 -4.24 0.52 27.45
C LYS A 86 -2.86 -0.14 27.56
N LYS A 87 -1.97 0.47 28.32
CA LYS A 87 -0.68 -0.12 28.59
C LYS A 87 -0.92 -1.50 29.19
N GLY A 88 -0.22 -2.51 28.63
CA GLY A 88 -0.30 -3.87 29.13
C GLY A 88 -1.31 -4.73 28.35
N GLU A 89 -2.12 -4.07 27.53
CA GLU A 89 -3.19 -4.76 26.83
C GLU A 89 -2.64 -5.61 25.70
N ILE A 90 -3.25 -6.78 25.50
CA ILE A 90 -3.05 -7.53 24.26
C ILE A 90 -4.40 -7.51 23.54
N ALA A 91 -4.34 -7.17 22.27
CA ALA A 91 -5.54 -7.12 21.45
C ALA A 91 -5.32 -7.85 20.14
N HIS A 92 -6.40 -8.39 19.59
CA HIS A 92 -6.50 -8.90 18.24
C HIS A 92 -7.21 -7.89 17.35
N LEU A 93 -6.59 -7.60 16.18
CA LEU A 93 -7.20 -6.80 15.14
C LEU A 93 -7.35 -7.61 13.86
N LEU A 94 -8.52 -7.48 13.24
CA LEU A 94 -8.75 -7.98 11.87
C LEU A 94 -9.13 -6.80 10.99
N ILE A 95 -8.41 -6.66 9.84
CA ILE A 95 -8.39 -5.39 9.15
C ILE A 95 -8.66 -5.56 7.65
N LYS A 96 -9.68 -4.87 7.14
CA LYS A 96 -10.02 -4.98 5.71
C LYS A 96 -9.02 -4.14 4.96
N PRO A 97 -8.85 -4.38 3.63
CA PRO A 97 -7.81 -3.65 2.89
C PRO A 97 -7.90 -2.13 2.88
N GLU A 98 -9.12 -1.58 2.94
CA GLU A 98 -9.31 -0.13 2.97
C GLU A 98 -8.60 0.55 4.18
N TYR A 99 -8.24 -0.20 5.22
CA TYR A 99 -7.56 0.33 6.38
C TYR A 99 -6.16 -0.24 6.47
N ALA A 100 -5.71 -0.89 5.37
CA ALA A 100 -4.36 -1.40 5.33
C ALA A 100 -3.72 -1.02 4.00
N TYR A 101 -3.56 -1.98 3.09
CA TYR A 101 -2.81 -1.65 1.86
C TYR A 101 -3.66 -1.59 0.61
N GLY A 102 -4.99 -1.69 0.69
CA GLY A 102 -5.91 -1.34 -0.39
C GLY A 102 -5.75 -2.25 -1.61
N SER A 103 -6.10 -1.69 -2.77
CA SER A 103 -6.12 -2.47 -4.02
C SER A 103 -4.72 -2.59 -4.55
N ALA A 104 -3.84 -1.66 -4.19
CA ALA A 104 -2.48 -1.71 -4.65
C ALA A 104 -1.71 -2.87 -3.99
N GLY A 105 -2.03 -3.11 -2.73
CA GLY A 105 -1.19 -3.98 -1.92
C GLY A 105 0.15 -3.35 -1.59
N SER A 106 1.07 -4.21 -1.16
CA SER A 106 2.43 -3.84 -0.90
C SER A 106 3.30 -5.07 -1.13
N LEU A 107 3.55 -5.39 -2.40
CA LEU A 107 4.28 -6.61 -2.74
C LEU A 107 5.75 -6.42 -2.29
N PRO A 108 6.46 -7.51 -1.99
CA PRO A 108 5.96 -8.88 -2.14
C PRO A 108 5.25 -9.39 -0.90
N LYS A 109 5.31 -8.67 0.23
CA LYS A 109 4.68 -9.18 1.44
C LYS A 109 3.15 -9.18 1.42
N ILE A 110 2.50 -8.15 0.83
CA ILE A 110 1.07 -7.99 0.96
C ILE A 110 0.46 -7.90 -0.44
N PRO A 111 -0.44 -8.83 -0.79
CA PRO A 111 -1.08 -8.79 -2.11
C PRO A 111 -2.19 -7.76 -2.14
N SER A 112 -2.77 -7.57 -3.33
CA SER A 112 -3.87 -6.68 -3.51
C SER A 112 -5.06 -7.13 -2.64
N ASN A 113 -5.75 -6.19 -2.02
CA ASN A 113 -7.05 -6.45 -1.40
C ASN A 113 -6.92 -7.48 -0.29
N ALA A 114 -5.83 -7.37 0.46
CA ALA A 114 -5.56 -8.30 1.54
C ALA A 114 -6.24 -7.85 2.85
N THR A 115 -6.86 -8.84 3.50
CA THR A 115 -7.20 -8.75 4.92
C THR A 115 -6.06 -9.23 5.84
N LEU A 116 -5.81 -8.43 6.88
CA LEU A 116 -4.69 -8.60 7.80
C LEU A 116 -5.24 -8.91 9.20
N PHE A 117 -4.49 -9.74 9.91
CA PHE A 117 -4.70 -10.07 11.31
C PHE A 117 -3.46 -9.71 12.13
N PHE A 118 -3.66 -9.07 13.26
CA PHE A 118 -2.57 -8.80 14.17
C PHE A 118 -2.91 -9.13 15.61
N GLU A 119 -1.91 -9.64 16.36
CA GLU A 119 -1.95 -9.56 17.82
C GLU A 119 -0.95 -8.51 18.24
N ILE A 120 -1.40 -7.56 19.04
CA ILE A 120 -0.57 -6.47 19.45
C ILE A 120 -0.53 -6.40 20.98
N GLU A 121 0.70 -6.29 21.49
CA GLU A 121 0.82 -5.96 22.93
C GLU A 121 1.40 -4.54 23.05
N LEU A 122 0.63 -3.70 23.69
CA LEU A 122 1.05 -2.35 24.05
C LEU A 122 1.97 -2.33 25.26
N LEU A 123 3.25 -2.01 24.97
CA LEU A 123 4.28 -2.03 25.99
C LEU A 123 4.34 -0.70 26.73
N ASP A 124 4.27 0.41 25.99
CA ASP A 124 4.43 1.73 26.61
C ASP A 124 4.17 2.80 25.55
N PHE A 125 3.93 4.02 25.99
CA PHE A 125 3.76 5.17 25.12
C PHE A 125 4.07 6.44 25.89
N LYS A 126 4.60 7.44 25.18
CA LYS A 126 5.14 8.67 25.76
C LYS A 126 4.70 9.83 24.87
N GLY A 127 4.37 10.96 25.51
CA GLY A 127 3.94 12.16 24.83
C GLY A 127 5.06 12.73 23.99
N GLU A 128 4.72 13.36 22.86
CA GLU A 128 5.69 14.12 22.09
C GLU A 128 6.32 15.13 23.07
N GLY B 1 2.14 -3.78 -31.27
CA GLY B 1 2.37 -2.32 -31.28
C GLY B 1 3.00 -1.87 -29.96
N ALA B 2 2.30 -1.07 -29.16
CA ALA B 2 3.02 -0.25 -28.19
C ALA B 2 3.69 -1.14 -27.12
N PRO B 3 3.02 -2.16 -26.58
CA PRO B 3 3.71 -3.05 -25.64
C PRO B 3 4.95 -3.74 -26.23
N ALA B 4 4.86 -4.25 -27.46
CA ALA B 4 6.00 -4.93 -28.06
C ALA B 4 7.15 -3.95 -28.27
N THR B 5 6.85 -2.68 -28.58
CA THR B 5 7.91 -1.74 -28.83
C THR B 5 8.62 -1.58 -27.47
N VAL B 6 7.87 -1.50 -26.38
CA VAL B 6 8.45 -1.35 -25.04
C VAL B 6 9.32 -2.56 -24.70
N THR B 7 8.88 -3.77 -25.00
CA THR B 7 9.71 -4.97 -24.83
C THR B 7 11.06 -4.79 -25.54
N GLU B 8 11.03 -4.34 -26.79
CA GLU B 8 12.23 -4.41 -27.61
C GLU B 8 13.13 -3.19 -27.37
N GLN B 9 12.56 -2.01 -27.03
CA GLN B 9 13.29 -0.76 -27.00
C GLN B 9 13.30 -0.14 -25.59
N GLY B 10 12.38 -0.56 -24.69
CA GLY B 10 12.20 0.12 -23.41
C GLY B 10 13.47 0.06 -22.54
N GLU B 11 13.71 1.13 -21.78
CA GLU B 11 14.77 1.19 -20.76
C GLU B 11 14.32 0.44 -19.51
N ASP B 12 15.22 -0.41 -18.97
CA ASP B 12 14.93 -1.07 -17.71
C ASP B 12 15.26 -0.11 -16.56
N ILE B 13 14.24 0.33 -15.88
CA ILE B 13 14.34 1.32 -14.84
C ILE B 13 14.29 0.68 -13.45
N THR B 14 14.45 -0.65 -13.34
CA THR B 14 14.52 -1.31 -12.03
C THR B 14 15.94 -1.22 -11.48
N SER B 15 16.04 -1.16 -10.15
CA SER B 15 17.36 -1.25 -9.48
C SER B 15 18.04 -2.57 -9.74
N LYS B 16 17.25 -3.63 -9.71
CA LYS B 16 17.78 -4.98 -9.85
C LYS B 16 18.09 -5.32 -11.29
N LYS B 17 17.70 -4.48 -12.27
CA LYS B 17 17.97 -4.80 -13.67
C LYS B 17 17.34 -6.16 -14.03
N ASP B 18 16.07 -6.36 -13.64
CA ASP B 18 15.34 -7.60 -13.89
C ASP B 18 14.23 -7.41 -14.93
N ARG B 19 14.28 -6.28 -15.67
CA ARG B 19 13.38 -5.94 -16.75
C ARG B 19 11.93 -5.99 -16.23
N GLY B 20 11.74 -5.73 -14.92
CA GLY B 20 10.41 -5.79 -14.36
C GLY B 20 9.57 -4.56 -14.64
N VAL B 21 10.21 -3.44 -14.96
CA VAL B 21 9.56 -2.21 -15.35
C VAL B 21 10.37 -1.61 -16.48
N LEU B 22 9.76 -1.57 -17.66
CA LEU B 22 10.40 -1.04 -18.86
C LEU B 22 9.69 0.24 -19.28
N LYS B 23 10.47 1.22 -19.75
CA LYS B 23 9.99 2.56 -20.03
C LYS B 23 10.41 3.07 -21.39
N ILE B 24 9.47 3.65 -22.14
CA ILE B 24 9.79 4.53 -23.26
C ILE B 24 9.17 5.89 -22.97
N VAL B 25 9.99 6.92 -23.17
CA VAL B 25 9.48 8.27 -23.19
C VAL B 25 8.84 8.55 -24.55
N LYS B 26 7.56 8.89 -24.55
CA LYS B 26 6.83 9.24 -25.76
C LYS B 26 6.87 10.74 -26.05
N ARG B 27 6.76 11.59 -25.02
CA ARG B 27 6.91 13.02 -25.15
C ARG B 27 7.80 13.53 -24.01
N VAL B 28 8.88 14.22 -24.38
CA VAL B 28 9.78 14.80 -23.37
C VAL B 28 9.07 15.90 -22.57
N GLY B 29 9.22 15.89 -21.24
CA GLY B 29 8.70 16.91 -20.34
C GLY B 29 9.53 18.20 -20.24
N ASN B 30 9.38 18.91 -19.11
CA ASN B 30 9.79 20.30 -18.92
C ASN B 30 10.71 20.39 -17.73
N GLY B 31 11.73 21.23 -17.83
CA GLY B 31 12.77 21.34 -16.82
C GLY B 31 13.50 20.04 -16.52
N GLU B 32 14.04 19.94 -15.29
CA GLU B 32 14.83 18.80 -14.86
C GLU B 32 14.11 18.08 -13.69
N GLU B 33 13.26 18.75 -12.93
CA GLU B 33 12.79 18.14 -11.68
C GLU B 33 11.86 16.96 -11.96
N THR B 34 12.04 15.92 -11.15
CA THR B 34 11.15 14.77 -11.06
C THR B 34 10.68 14.63 -9.62
N PRO B 35 9.53 14.00 -9.37
CA PRO B 35 8.95 14.10 -8.04
C PRO B 35 9.65 13.28 -6.97
N MET B 36 9.58 13.78 -5.75
CA MET B 36 10.17 13.16 -4.58
C MET B 36 9.11 12.33 -3.85
N ILE B 37 9.57 11.29 -3.18
CA ILE B 37 8.69 10.59 -2.26
C ILE B 37 7.93 11.58 -1.40
N GLY B 38 6.61 11.36 -1.34
CA GLY B 38 5.71 12.17 -0.54
C GLY B 38 4.96 13.23 -1.35
N ASP B 39 5.49 13.57 -2.54
CA ASP B 39 4.88 14.56 -3.41
C ASP B 39 3.49 14.11 -3.86
N LYS B 40 2.60 15.12 -4.02
CA LYS B 40 1.29 14.82 -4.56
C LYS B 40 1.45 14.91 -6.06
N VAL B 41 1.07 13.82 -6.75
CA VAL B 41 1.23 13.73 -8.18
C VAL B 41 -0.13 13.61 -8.89
N TYR B 42 -0.19 14.31 -10.03
CA TYR B 42 -1.37 14.37 -10.87
C TYR B 42 -1.01 13.77 -12.23
N VAL B 43 -1.80 12.79 -12.68
CA VAL B 43 -1.56 12.18 -13.98
C VAL B 43 -2.87 11.95 -14.74
N HIS B 44 -2.72 11.82 -16.06
CA HIS B 44 -3.67 11.13 -16.88
C HIS B 44 -3.04 9.83 -17.29
N TYR B 45 -3.80 8.75 -17.36
CA TYR B 45 -3.27 7.46 -17.75
C TYR B 45 -4.31 6.60 -18.52
N LYS B 46 -3.76 5.60 -19.24
CA LYS B 46 -4.50 4.49 -19.80
C LYS B 46 -3.74 3.23 -19.43
N GLY B 47 -4.51 2.21 -19.05
CA GLY B 47 -3.90 0.99 -18.67
C GLY B 47 -4.68 -0.19 -19.20
N LYS B 48 -3.93 -1.29 -19.44
CA LYS B 48 -4.55 -2.47 -19.98
C LYS B 48 -3.71 -3.67 -19.53
N LEU B 49 -4.39 -4.83 -19.46
CA LEU B 49 -3.67 -6.09 -19.36
C LEU B 49 -2.94 -6.27 -20.70
N SER B 50 -1.69 -6.73 -20.72
CA SER B 50 -0.99 -7.03 -21.97
C SER B 50 -1.87 -7.76 -22.99
N ASN B 51 -2.69 -8.72 -22.54
CA ASN B 51 -3.78 -9.36 -23.32
C ASN B 51 -4.75 -8.43 -24.06
N GLY B 52 -5.20 -7.38 -23.36
CA GLY B 52 -6.31 -6.53 -23.79
C GLY B 52 -7.66 -7.06 -23.32
N LYS B 53 -7.70 -7.82 -22.22
CA LYS B 53 -8.96 -8.30 -21.66
C LYS B 53 -9.65 -7.23 -20.77
N LYS B 54 -8.92 -6.21 -20.38
CA LYS B 54 -9.42 -5.16 -19.52
C LYS B 54 -8.61 -3.89 -19.84
N PHE B 55 -9.31 -2.77 -19.94
CA PHE B 55 -8.78 -1.45 -20.24
C PHE B 55 -9.33 -0.46 -19.19
N ASP B 56 -8.54 0.48 -18.78
CA ASP B 56 -8.95 1.48 -17.83
C ASP B 56 -8.35 2.83 -18.22
N SER B 57 -9.07 3.91 -18.00
CA SER B 57 -8.53 5.23 -18.36
C SER B 57 -9.03 6.32 -17.39
N SER B 58 -8.13 7.22 -16.94
CA SER B 58 -8.56 8.46 -16.32
C SER B 58 -9.31 9.29 -17.34
N HIS B 59 -8.95 9.16 -18.63
CA HIS B 59 -9.59 9.93 -19.70
C HIS B 59 -11.08 9.60 -19.76
N ASP B 60 -11.47 8.35 -19.42
CA ASP B 60 -12.86 7.92 -19.44
C ASP B 60 -13.67 8.65 -18.34
N ARG B 61 -13.01 9.12 -17.29
CA ARG B 61 -13.61 9.85 -16.19
C ARG B 61 -13.34 11.35 -16.31
N ASN B 62 -12.54 11.73 -17.33
CA ASN B 62 -12.26 13.13 -17.64
C ASN B 62 -11.78 13.89 -16.39
N GLU B 63 -11.05 13.20 -15.49
CA GLU B 63 -10.49 13.82 -14.27
C GLU B 63 -9.08 13.27 -14.04
N PRO B 64 -8.11 14.04 -13.51
CA PRO B 64 -6.79 13.47 -13.24
C PRO B 64 -6.81 12.44 -12.12
N PHE B 65 -5.92 11.47 -12.17
CA PHE B 65 -5.73 10.53 -11.08
C PHE B 65 -4.66 11.12 -10.18
N VAL B 66 -4.89 11.09 -8.88
CA VAL B 66 -4.02 11.82 -7.95
C VAL B 66 -3.56 10.85 -6.88
N PHE B 67 -2.21 10.82 -6.61
CA PHE B 67 -1.70 9.93 -5.58
C PHE B 67 -0.42 10.53 -4.99
N SER B 68 -0.09 10.03 -3.79
CA SER B 68 1.16 10.47 -3.13
C SER B 68 2.28 9.50 -3.52
N LEU B 69 3.38 10.02 -4.07
CA LEU B 69 4.40 9.09 -4.59
C LEU B 69 5.16 8.39 -3.48
N GLY B 70 5.38 7.09 -3.67
CA GLY B 70 6.34 6.32 -2.91
C GLY B 70 5.77 5.80 -1.62
N LYS B 71 4.44 5.92 -1.48
CA LYS B 71 3.69 5.36 -0.35
C LYS B 71 3.01 4.03 -0.71
N GLY B 72 3.21 3.46 -1.87
CA GLY B 72 2.57 2.18 -2.18
C GLY B 72 1.05 2.31 -2.28
N GLN B 73 0.56 3.57 -2.53
CA GLN B 73 -0.82 3.84 -2.90
C GLN B 73 -1.19 3.25 -4.26
N VAL B 74 -0.14 3.03 -5.02
CA VAL B 74 -0.21 2.44 -6.36
C VAL B 74 0.75 1.29 -6.44
N ILE B 75 0.66 0.46 -7.47
CA ILE B 75 1.57 -0.66 -7.67
C ILE B 75 3.02 -0.16 -7.71
N LYS B 76 3.95 -1.02 -7.36
CA LYS B 76 5.37 -0.70 -7.21
C LYS B 76 5.90 -0.07 -8.49
N ALA B 77 5.45 -0.60 -9.66
CA ALA B 77 5.84 -0.07 -10.99
C ALA B 77 5.55 1.41 -11.18
N TRP B 78 4.46 1.90 -10.59
CA TRP B 78 4.11 3.29 -10.72
C TRP B 78 4.99 4.12 -9.79
N ASP B 79 5.24 3.66 -8.55
CA ASP B 79 6.14 4.40 -7.65
C ASP B 79 7.54 4.53 -8.24
N ILE B 80 7.98 3.46 -8.95
CA ILE B 80 9.28 3.49 -9.64
C ILE B 80 9.18 4.41 -10.86
N GLY B 81 8.17 4.18 -11.72
CA GLY B 81 8.11 4.77 -13.07
C GLY B 81 7.84 6.27 -13.03
N VAL B 82 6.80 6.65 -12.23
CA VAL B 82 6.44 8.05 -12.22
C VAL B 82 7.55 8.90 -11.57
N ALA B 83 8.33 8.32 -10.63
CA ALA B 83 9.44 8.96 -10.00
C ALA B 83 10.49 9.35 -11.03
N THR B 84 10.48 8.74 -12.24
CA THR B 84 11.48 9.12 -13.24
C THR B 84 11.00 10.19 -14.22
N MET B 85 9.78 10.69 -14.07
CA MET B 85 9.09 11.49 -15.07
C MET B 85 9.14 12.98 -14.69
N LYS B 86 9.35 13.83 -15.73
CA LYS B 86 9.26 15.28 -15.65
C LYS B 86 7.82 15.75 -15.85
N LYS B 87 7.53 16.94 -15.35
CA LYS B 87 6.26 17.58 -15.63
C LYS B 87 6.09 17.71 -17.16
N GLY B 88 4.92 17.29 -17.66
CA GLY B 88 4.59 17.37 -19.07
C GLY B 88 5.01 16.12 -19.86
N GLU B 89 5.70 15.20 -19.22
CA GLU B 89 6.20 14.02 -19.90
C GLU B 89 5.06 13.04 -20.14
N ILE B 90 5.12 12.33 -21.26
CA ILE B 90 4.29 11.13 -21.44
C ILE B 90 5.22 9.96 -21.61
N ALA B 91 4.91 8.84 -20.99
CA ALA B 91 5.73 7.66 -21.05
C ALA B 91 4.86 6.41 -21.19
N HIS B 92 5.46 5.36 -21.78
CA HIS B 92 4.89 4.02 -21.79
C HIS B 92 5.68 3.16 -20.79
N LEU B 93 4.94 2.37 -20.00
CA LEU B 93 5.49 1.41 -19.07
C LEU B 93 4.91 0.04 -19.41
N LEU B 94 5.80 -0.95 -19.46
CA LEU B 94 5.44 -2.36 -19.51
C LEU B 94 5.99 -3.02 -18.25
N ILE B 95 5.13 -3.79 -17.60
CA ILE B 95 5.33 -4.13 -16.20
C ILE B 95 5.10 -5.62 -15.96
N LYS B 96 6.16 -6.33 -15.53
CA LYS B 96 6.03 -7.74 -15.15
C LYS B 96 5.24 -7.87 -13.87
N PRO B 97 4.56 -9.02 -13.65
CA PRO B 97 3.68 -9.16 -12.48
C PRO B 97 4.30 -8.90 -11.09
N GLU B 98 5.59 -9.20 -10.91
CA GLU B 98 6.32 -8.92 -9.69
C GLU B 98 6.23 -7.43 -9.24
N TYR B 99 6.04 -6.49 -10.18
CA TYR B 99 5.96 -5.06 -9.92
C TYR B 99 4.53 -4.53 -10.04
N ALA B 100 3.58 -5.46 -10.19
CA ALA B 100 2.19 -5.09 -10.37
C ALA B 100 1.36 -5.85 -9.33
N TYR B 101 0.66 -6.90 -9.74
CA TYR B 101 -0.21 -7.67 -8.86
C TYR B 101 0.24 -9.09 -8.59
N GLY B 102 1.36 -9.55 -9.13
CA GLY B 102 1.95 -10.75 -8.58
C GLY B 102 1.28 -12.05 -8.96
N SER B 103 1.58 -13.09 -8.18
CA SER B 103 1.00 -14.38 -8.40
C SER B 103 -0.41 -14.37 -7.86
N ALA B 104 -0.66 -13.54 -6.85
CA ALA B 104 -2.01 -13.52 -6.29
C ALA B 104 -3.00 -12.87 -7.24
N GLY B 105 -2.55 -11.93 -8.05
CA GLY B 105 -3.45 -11.16 -8.89
C GLY B 105 -4.35 -10.26 -8.07
N SER B 106 -5.45 -9.79 -8.70
CA SER B 106 -6.43 -8.97 -8.00
C SER B 106 -7.76 -9.33 -8.62
N LEU B 107 -8.13 -10.54 -8.35
CA LEU B 107 -9.28 -11.16 -9.03
C LEU B 107 -10.55 -10.52 -8.51
N PRO B 108 -11.61 -10.40 -9.32
CA PRO B 108 -11.68 -10.97 -10.68
C PRO B 108 -11.10 -10.07 -11.76
N LYS B 109 -10.75 -8.85 -11.41
CA LYS B 109 -10.37 -7.86 -12.40
C LYS B 109 -8.98 -8.14 -13.02
N ILE B 110 -8.01 -8.57 -12.22
CA ILE B 110 -6.64 -8.79 -12.72
C ILE B 110 -6.27 -10.24 -12.38
N PRO B 111 -5.98 -11.09 -13.36
CA PRO B 111 -5.56 -12.46 -13.15
C PRO B 111 -4.17 -12.57 -12.55
N SER B 112 -3.86 -13.78 -12.09
CA SER B 112 -2.58 -14.20 -11.58
C SER B 112 -1.51 -13.97 -12.66
N ASN B 113 -0.36 -13.41 -12.28
CA ASN B 113 0.82 -13.39 -13.14
C ASN B 113 0.52 -12.54 -14.37
N ALA B 114 -0.19 -11.43 -14.17
CA ALA B 114 -0.52 -10.53 -15.28
C ALA B 114 0.60 -9.54 -15.57
N THR B 115 0.88 -9.34 -16.87
CA THR B 115 1.69 -8.21 -17.35
C THR B 115 0.77 -7.05 -17.69
N LEU B 116 1.15 -5.85 -17.25
CA LEU B 116 0.37 -4.63 -17.45
C LEU B 116 1.16 -3.63 -18.31
N PHE B 117 0.36 -2.86 -19.13
CA PHE B 117 0.88 -1.76 -19.89
C PHE B 117 0.15 -0.49 -19.45
N PHE B 118 0.91 0.60 -19.36
CA PHE B 118 0.29 1.88 -19.13
C PHE B 118 0.89 2.96 -20.03
N GLU B 119 0.06 3.90 -20.40
CA GLU B 119 0.48 5.18 -20.89
C GLU B 119 0.19 6.20 -19.79
N ILE B 120 1.17 7.03 -19.43
CA ILE B 120 1.01 7.97 -18.33
C ILE B 120 1.46 9.33 -18.80
N GLU B 121 0.62 10.33 -18.56
CA GLU B 121 1.10 11.70 -18.69
C GLU B 121 1.17 12.33 -17.32
N LEU B 122 2.38 12.85 -17.01
CA LEU B 122 2.58 13.50 -15.71
C LEU B 122 2.14 14.95 -15.86
N LEU B 123 1.02 15.31 -15.20
CA LEU B 123 0.43 16.64 -15.33
C LEU B 123 1.13 17.64 -14.42
N ASP B 124 1.41 17.24 -13.18
CA ASP B 124 1.95 18.13 -12.20
C ASP B 124 2.35 17.31 -10.98
N PHE B 125 3.18 17.94 -10.13
CA PHE B 125 3.44 17.41 -8.80
C PHE B 125 3.79 18.57 -7.87
N LYS B 126 3.40 18.43 -6.59
CA LYS B 126 3.52 19.46 -5.58
C LYS B 126 3.98 18.77 -4.29
N GLY B 127 4.69 19.52 -3.46
CA GLY B 127 5.20 19.03 -2.19
C GLY B 127 4.06 18.84 -1.21
N GLU B 128 4.27 17.90 -0.29
CA GLU B 128 3.60 17.80 1.01
C GLU B 128 3.18 19.18 1.54
C4 A1INP C . 4.91 -5.35 7.46
C14 A1INP C . 8.90 -1.28 9.04
C5 A1INP C . 6.20 -5.59 7.91
C6 A1INP C . 7.30 -5.08 7.23
C11 A1INP C . 11.21 -6.62 8.74
C7 A1INP C . 7.12 -4.36 6.06
C8 A1INP C . 8.99 -4.73 4.63
C9 A1INP C . 8.89 -5.36 9.03
C10 A1INP C . 10.42 -5.39 9.27
C12 A1INP C . 11.02 -4.13 8.62
C13 A1INP C . 9.38 -2.27 8.25
N1 A1INP C . 10.24 -2.94 9.00
N2 A1INP C . 9.52 -1.35 10.26
C3 A1INP C . 4.71 -4.58 6.31
N3 A1INP C . 10.33 -2.39 10.23
C1 A1INP C . 4.54 -3.35 3.80
O1 A1INP C . 5.78 -3.40 4.42
C2 A1INP C . 5.83 -4.15 5.58
O2 A1INP C . 8.21 -3.82 5.38
O3 A1INP C . 8.58 -5.31 7.63
C15 A1INP C . 7.97 -0.20 8.68
C16 A1INP C . 6.71 -0.86 8.13
C17 A1INP C . 5.48 0.02 7.99
C18 A1INP C . 4.36 -0.75 7.37
O4 A1INP C . 3.81 -1.81 8.20
C19 A1INP C . 2.68 -1.51 8.86
O5 A1INP C . 2.13 -0.45 8.84
C20 A1INP C . 2.10 -2.69 9.61
C21 A1INP C . 1.87 -2.31 11.09
C22 A1INP C . 3.17 -2.15 11.86
C23 A1INP C . 3.93 -3.47 11.84
C24 A1INP C . 4.22 -3.86 10.37
N4 A1INP C . 2.97 -3.86 9.50
C25 A1INP C . 2.71 -4.72 8.49
O6 A1INP C . 1.76 -4.50 7.71
C26 A1INP C . 3.72 -5.87 8.27
C27 A1INP C . 3.02 -7.06 7.56
C28 A1INP C . 3.98 -8.18 7.16
C29 A1INP C . 3.27 -9.31 6.34
C30 A1INP C . 2.18 -9.93 7.19
C31 A1INP C . 1.27 -8.89 7.74
C32 A1INP C . 1.91 -7.68 8.41
H5 A1INP C . 6.33 -6.07 8.71
H14 A1INP C . 10.90 -7.43 9.18
H12 A1INP C . 12.16 -6.49 8.93
H13 A1INP C . 11.09 -6.70 7.78
H7 A1INP C . 9.68 -4.24 4.15
H8 A1INP C . 8.42 -5.19 3.99
H6 A1INP C . 9.40 -5.37 5.22
H9 A1INP C . 8.48 -6.15 9.43
H10 A1INP C . 8.50 -4.57 9.48
H11 A1INP C . 10.57 -5.32 10.24
H15 A1INP C . 11.01 -4.22 7.65
H16 A1INP C . 11.95 -4.01 8.92
H17 A1INP C . 9.16 -2.45 7.35
H4 A1INP C . 3.84 -4.45 5.98
H2 A1INP C . 4.63 -2.92 2.93
H3 A1INP C . 3.92 -2.85 4.35
H1 A1INP C . 4.20 -4.25 3.67
H19 A1INP C . 7.76 0.33 9.47
H18 A1INP C . 8.38 0.38 8.01
H21 A1INP C . 6.92 -1.23 7.25
H20 A1INP C . 6.48 -1.62 8.71
H23 A1INP C . 5.20 0.35 8.88
H22 A1INP C . 5.68 0.80 7.43
H25 A1INP C . 3.65 -0.13 7.12
H24 A1INP C . 4.68 -1.15 6.53
H26 A1INP C . 1.22 -2.92 9.21
H28 A1INP C . 1.36 -1.46 11.12
H27 A1INP C . 1.33 -3.01 11.51
H29 A1INP C . 2.98 -1.89 12.79
H30 A1INP C . 3.73 -1.44 11.46
H31 A1INP C . 3.37 -4.17 12.27
H32 A1INP C . 4.76 -3.39 12.34
H33 A1INP C . 4.62 -4.76 10.35
H34 A1INP C . 4.88 -3.23 9.99
H35 A1INP C . 4.07 -6.18 9.15
H36 A1INP C . 2.60 -6.72 6.74
H37 A1INP C . 4.37 -8.57 7.97
H38 A1INP C . 4.71 -7.81 6.64
H40 A1INP C . 2.88 -8.93 5.52
H39 A1INP C . 3.92 -10.00 6.08
H42 A1INP C . 1.66 -10.56 6.64
H41 A1INP C . 2.59 -10.44 7.92
H44 A1INP C . 0.70 -8.57 7.01
H43 A1INP C . 0.67 -9.33 8.39
H45 A1INP C . 2.28 -7.96 9.28
H46 A1INP C . 1.22 -7.01 8.59
C4 A1INP D . -6.86 -0.41 -11.67
C14 A1INP D . -8.08 3.57 -7.61
C5 A1INP D . -7.90 0.49 -11.64
C6 A1INP D . -8.85 0.40 -10.65
C11 A1INP D . -12.36 2.68 -11.36
C7 A1INP D . -8.80 -0.60 -9.68
C8 A1INP D . -11.10 -0.89 -9.16
C9 A1INP D . -9.94 2.47 -11.33
C10 A1INP D . -11.12 3.31 -10.83
C12 A1INP D . -11.26 3.22 -9.26
C13 A1INP D . -9.10 2.74 -8.00
N1 A1INP D . -10.05 3.55 -8.54
N2 A1INP D . -8.50 4.82 -7.83
C3 A1INP D . -6.77 -1.40 -10.71
N3 A1INP D . -9.67 4.81 -8.44
C1 A1INP D . -6.71 -3.41 -8.75
O1 A1INP D . -7.75 -2.49 -8.74
C2 A1INP D . -7.76 -1.53 -9.73
O2 A1INP D . -9.80 -0.63 -8.69
O3 A1INP D . -9.92 1.25 -10.56
C15 A1INP D . -6.80 3.25 -6.89
C16 A1INP D . -6.22 2.00 -7.59
C17 A1INP D . -4.93 1.45 -7.08
C18 A1INP D . -4.42 0.21 -7.72
O4 A1INP D . -4.16 0.48 -9.13
C19 A1INP D . -2.88 0.72 -9.43
O5 A1INP D . -2.00 0.86 -8.64
C20 A1INP D . -2.68 0.98 -10.94
C21 A1INP D . -1.89 2.29 -11.11
C22 A1INP D . -2.76 3.47 -10.85
C23 A1INP D . -3.95 3.44 -11.85
C24 A1INP D . -4.85 2.15 -11.61
N4 A1INP D . -3.95 0.96 -11.64
C25 A1INP D . -4.40 -0.24 -12.14
O6 A1INP D . -3.73 -1.28 -11.99
C26 A1INP D . -5.82 -0.30 -12.77
C27 A1INP D . -5.88 -1.46 -13.76
C28 A1INP D . -7.26 -1.72 -14.28
C29 A1INP D . -7.36 -2.81 -15.32
C30 A1INP D . -6.37 -2.62 -16.46
C31 A1INP D . -5.01 -2.42 -15.92
C32 A1INP D . -4.93 -1.28 -14.95
H5 A1INP D . -7.94 1.17 -12.29
H14 A1INP D . -12.36 2.73 -12.34
H12 A1INP D . -13.14 3.15 -11.02
H13 A1INP D . -12.41 1.75 -11.09
H7 A1INP D . -11.73 -0.28 -8.75
H8 A1INP D . -11.35 -1.80 -8.92
H6 A1INP D . -11.14 -0.79 -10.12
H9 A1INP D . -10.05 2.26 -12.28
H10 A1INP D . -9.10 2.96 -11.21
H11 A1INP D . -11.06 4.25 -11.12
H15 A1INP D . -11.54 2.31 -9.01
H16 A1INP D . -11.97 3.83 -8.98
H17 A1INP D . -9.11 1.80 -8.00
H4 A1INP D . -6.07 -2.03 -10.75
H2 A1INP D . -6.83 -4.05 -8.03
H3 A1INP D . -5.86 -2.96 -8.63
H1 A1INP D . -6.70 -3.90 -9.59
H19 A1INP D . -6.18 4.00 -6.97
H18 A1INP D . -6.98 3.07 -5.94
H21 A1INP D . -6.90 1.28 -7.53
H20 A1INP D . -6.12 2.19 -8.54
H23 A1INP D . -4.25 2.15 -7.19
H22 A1INP D . -5.03 1.28 -6.12
H25 A1INP D . -3.61 -0.09 -7.26
H24 A1INP D . -5.09 -0.50 -7.65
H26 A1INP D . -2.12 0.24 -11.30
H28 A1INP D . -1.12 2.31 -10.48
H27 A1INP D . -1.54 2.34 -12.03
H29 A1INP D . -2.25 4.31 -10.97
H30 A1INP D . -3.10 3.44 -9.93
H31 A1INP D . -3.60 3.42 -12.77
H32 A1INP D . -4.50 4.23 -11.74
H33 A1INP D . -5.53 2.08 -12.31
H34 A1INP D . -5.28 2.20 -10.74
H35 A1INP D . -5.98 0.54 -13.27
H36 A1INP D . -5.59 -2.28 -13.27
H37 A1INP D . -7.60 -0.89 -14.67
H38 A1INP D . -7.84 -1.95 -13.54
H40 A1INP D . -7.19 -3.69 -14.90
H39 A1INP D . -8.27 -2.82 -15.69
H42 A1INP D . -6.39 -3.42 -17.04
H41 A1INP D . -6.64 -1.84 -16.99
H44 A1INP D . -4.72 -3.25 -15.46
H43 A1INP D . -4.40 -2.25 -16.67
H45 A1INP D . -5.14 -0.44 -15.41
H46 A1INP D . -4.00 -1.20 -14.62
#